data_6M2A
#
_entry.id   6M2A
#
_cell.length_a   50.210
_cell.length_b   50.210
_cell.length_c   90.900
_cell.angle_alpha   90.000
_cell.angle_beta   90.000
_cell.angle_gamma   120.000
#
_symmetry.space_group_name_H-M   'P 31'
#
loop_
_entity.id
_entity.type
_entity.pdbx_description
1 polymer 'Sirohydrochlorin cobaltochelatase,Sirohydrochlorin cobaltochelatase,Sirohydrochlorin cobaltochelatase'
2 non-polymer 'SULFATE ION'
3 water water
#
_entity_poly.entity_id   1
_entity_poly.type   'polypeptide(L)'
_entity_poly.pdbx_seq_one_letter_code
;MEALVLVGHGSRLPYSKELLVKLAEKVKERNLFPIVEIGLMEFSEPTIPQAVKKAIEQGAKRIIVVPVFLAHGIHTTRDI
PRLLGLDENGCGTLEIDGKTVEIIYREPIGADDRIVDIIIDRAFGR
;
_entity_poly.pdbx_strand_id   A,B
#
loop_
_chem_comp.id
_chem_comp.type
_chem_comp.name
_chem_comp.formula
SO4 non-polymer 'SULFATE ION' 'O4 S -2'
#
# COMPACT_ATOMS: atom_id res chain seq x y z
N MET A 1 -12.48 0.82 27.08
CA MET A 1 -12.58 -0.04 25.90
C MET A 1 -11.44 0.22 24.94
N GLU A 2 -11.50 -0.36 23.73
CA GLU A 2 -10.42 -0.20 22.77
C GLU A 2 -10.98 0.19 21.41
N ALA A 3 -10.30 1.13 20.76
CA ALA A 3 -10.66 1.61 19.44
C ALA A 3 -9.56 1.25 18.46
N LEU A 4 -9.93 1.13 17.20
CA LEU A 4 -8.99 0.98 16.10
C LEU A 4 -9.07 2.24 15.24
N VAL A 5 -7.96 2.92 15.06
CA VAL A 5 -7.88 4.04 14.14
C VAL A 5 -6.99 3.64 12.97
N LEU A 6 -7.60 3.53 11.79
CA LEU A 6 -6.89 3.25 10.56
C LEU A 6 -6.44 4.58 9.96
N VAL A 7 -5.25 4.59 9.36
CA VAL A 7 -4.64 5.83 8.90
C VAL A 7 -4.04 5.63 7.53
N GLY A 8 -4.43 6.49 6.58
CA GLY A 8 -4.01 6.37 5.20
C GLY A 8 -3.55 7.70 4.66
N HIS A 9 -2.90 7.65 3.49
CA HIS A 9 -2.34 8.85 2.88
C HIS A 9 -3.41 9.65 2.14
N GLY A 10 -3.17 10.95 2.02
CA GLY A 10 -4.03 11.84 1.27
C GLY A 10 -3.63 11.90 -0.19
N SER A 11 -4.60 12.11 -1.08
CA SER A 11 -4.35 11.97 -2.51
C SER A 11 -4.96 13.03 -3.42
N ARG A 12 -5.92 13.85 -2.97
CA ARG A 12 -6.63 14.81 -3.82
C ARG A 12 -7.58 14.05 -4.74
N LEU A 13 -7.11 12.89 -5.27
CA LEU A 13 -7.98 11.94 -5.93
C LEU A 13 -8.67 11.09 -4.87
N PRO A 14 -9.92 10.70 -5.10
CA PRO A 14 -10.74 10.14 -4.00
C PRO A 14 -10.52 8.66 -3.72
N TYR A 15 -9.69 7.97 -4.51
CA TYR A 15 -9.60 6.50 -4.40
C TYR A 15 -9.14 6.06 -3.01
N SER A 16 -8.18 6.76 -2.42
CA SER A 16 -7.62 6.33 -1.13
C SER A 16 -8.65 6.46 -0.02
N LYS A 17 -9.49 7.50 -0.10
CA LYS A 17 -10.57 7.70 0.86
C LYS A 17 -11.52 6.50 0.86
N GLU A 18 -11.93 6.04 -0.33
CA GLU A 18 -12.80 4.89 -0.44
C GLU A 18 -12.10 3.62 0.07
N LEU A 19 -10.81 3.49 -0.26
CA LEU A 19 -10.04 2.37 0.26
C LEU A 19 -10.14 2.28 1.77
N LEU A 20 -9.85 3.40 2.45
CA LEU A 20 -9.87 3.38 3.92
C LEU A 20 -11.27 3.14 4.46
N VAL A 21 -12.29 3.76 3.84
CA VAL A 21 -13.66 3.53 4.30
C VAL A 21 -14.02 2.06 4.22
N LYS A 22 -13.76 1.43 3.07
CA LYS A 22 -14.17 0.04 2.88
C LYS A 22 -13.38 -0.89 3.80
N LEU A 23 -12.09 -0.61 4.00
CA LEU A 23 -11.32 -1.41 4.94
C LEU A 23 -11.91 -1.33 6.34
N ALA A 24 -12.30 -0.12 6.76
CA ALA A 24 -12.90 0.04 8.08
C ALA A 24 -14.24 -0.68 8.16
N GLU A 25 -15.01 -0.68 7.06
CA GLU A 25 -16.28 -1.39 7.04
C GLU A 25 -16.09 -2.90 7.18
N LYS A 26 -15.07 -3.45 6.54
CA LYS A 26 -14.86 -4.90 6.64
C LYS A 26 -14.34 -5.29 8.02
N VAL A 27 -13.47 -4.45 8.61
CA VAL A 27 -13.01 -4.79 9.96
C VAL A 27 -14.16 -4.60 10.95
N LYS A 28 -15.07 -3.68 10.65
CA LYS A 28 -16.30 -3.59 11.44
C LYS A 28 -17.12 -4.86 11.31
N GLU A 29 -17.23 -5.41 10.09
CA GLU A 29 -17.92 -6.68 9.92
C GLU A 29 -17.31 -7.80 10.75
N ARG A 30 -16.02 -7.74 11.06
CA ARG A 30 -15.54 -8.82 11.91
C ARG A 30 -15.90 -8.64 13.39
N ASN A 31 -16.37 -7.47 13.80
CA ASN A 31 -16.89 -7.23 15.15
C ASN A 31 -15.91 -7.70 16.23
N LEU A 32 -14.67 -7.27 16.12
CA LEU A 32 -13.70 -7.43 17.19
C LEU A 32 -13.32 -6.13 17.86
N PHE A 33 -13.73 -5.00 17.28
CA PHE A 33 -13.40 -3.70 17.85
C PHE A 33 -14.68 -2.90 17.98
N PRO A 34 -14.96 -2.33 19.16
CA PRO A 34 -16.20 -1.57 19.32
C PRO A 34 -16.20 -0.30 18.50
N ILE A 35 -15.08 0.42 18.47
CA ILE A 35 -14.95 1.66 17.74
C ILE A 35 -13.90 1.45 16.64
N VAL A 36 -14.24 1.80 15.41
CA VAL A 36 -13.31 1.79 14.29
C VAL A 36 -13.47 3.12 13.56
N GLU A 37 -12.38 3.86 13.43
CA GLU A 37 -12.38 5.14 12.75
C GLU A 37 -11.26 5.20 11.72
N ILE A 38 -11.33 6.20 10.85
CA ILE A 38 -10.37 6.37 9.77
C ILE A 38 -9.80 7.79 9.83
N GLY A 39 -8.60 7.92 9.28
CA GLY A 39 -7.88 9.17 9.27
C GLY A 39 -7.04 9.29 8.02
N LEU A 40 -7.08 10.45 7.38
CA LEU A 40 -6.31 10.71 6.17
C LEU A 40 -5.12 11.61 6.51
N MET A 41 -3.99 11.34 5.86
CA MET A 41 -2.74 12.04 6.17
C MET A 41 -2.74 13.47 5.63
N GLU A 42 -3.23 13.67 4.42
CA GLU A 42 -3.16 15.00 3.82
C GLU A 42 -4.43 15.30 3.05
N PHE A 43 -4.64 16.60 2.77
CA PHE A 43 -5.66 17.05 1.84
C PHE A 43 -7.10 16.78 2.30
N SER A 44 -7.47 15.51 2.44
CA SER A 44 -8.83 15.10 2.75
C SER A 44 -9.05 14.93 4.24
N GLU A 45 -10.34 15.22 4.70
CA GLU A 45 -10.82 14.93 6.05
C GLU A 45 -11.53 13.57 6.10
N PRO A 46 -11.57 12.90 7.28
CA PRO A 46 -11.03 13.38 8.55
C PRO A 46 -9.50 13.33 8.56
N THR A 47 -8.88 13.97 9.56
CA THR A 47 -7.48 14.37 9.43
C THR A 47 -6.51 13.48 10.17
N ILE A 48 -7.00 12.63 11.08
CA ILE A 48 -6.27 11.74 12.01
C ILE A 48 -6.46 12.29 13.42
N PRO A 49 -6.12 13.56 13.71
CA PRO A 49 -6.56 14.12 14.99
C PRO A 49 -8.07 14.04 15.15
N GLN A 50 -8.81 14.20 14.06
CA GLN A 50 -10.27 14.02 14.13
C GLN A 50 -10.63 12.58 14.44
N ALA A 51 -9.93 11.61 13.83
CA ALA A 51 -10.16 10.21 14.13
C ALA A 51 -9.97 9.92 15.62
N VAL A 52 -8.88 10.44 16.20
CA VAL A 52 -8.62 10.20 17.62
C VAL A 52 -9.66 10.90 18.50
N LYS A 53 -9.97 12.16 18.18
CA LYS A 53 -10.99 12.87 18.93
C LYS A 53 -12.31 12.10 18.93
N LYS A 54 -12.71 11.53 17.79
CA LYS A 54 -13.99 10.84 17.74
C LYS A 54 -13.91 9.45 18.38
N ALA A 55 -12.74 8.80 18.31
CA ALA A 55 -12.56 7.53 18.97
C ALA A 55 -12.70 7.68 20.49
N ILE A 56 -12.10 8.73 21.06
CA ILE A 56 -12.32 9.01 22.47
C ILE A 56 -13.75 9.46 22.72
N GLU A 57 -14.32 10.24 21.78
CA GLU A 57 -15.67 10.76 21.94
C GLU A 57 -16.67 9.65 22.14
N GLN A 58 -16.48 8.51 21.47
CA GLN A 58 -17.36 7.39 21.71
C GLN A 58 -16.93 6.53 22.89
N GLY A 59 -15.73 6.73 23.43
CA GLY A 59 -15.41 6.25 24.76
C GLY A 59 -14.21 5.35 24.91
N ALA A 60 -13.15 5.60 24.15
CA ALA A 60 -12.01 4.70 24.12
C ALA A 60 -10.92 5.19 25.05
N LYS A 61 -10.21 4.24 25.66
CA LYS A 61 -9.06 4.51 26.51
C LYS A 61 -7.77 4.12 25.83
N ARG A 62 -7.82 3.17 24.91
CA ARG A 62 -6.63 2.73 24.20
C ARG A 62 -6.95 2.79 22.71
N ILE A 63 -6.24 3.64 21.98
CA ILE A 63 -6.46 3.84 20.55
C ILE A 63 -5.33 3.17 19.79
N ILE A 64 -5.67 2.10 19.07
CA ILE A 64 -4.73 1.39 18.20
C ILE A 64 -4.68 2.10 16.86
N VAL A 65 -3.53 2.68 16.53
CA VAL A 65 -3.32 3.38 15.27
C VAL A 65 -2.55 2.47 14.33
N VAL A 66 -3.17 2.15 13.20
CA VAL A 66 -2.61 1.23 12.21
C VAL A 66 -2.28 2.01 10.95
N PRO A 67 -0.99 2.09 10.54
CA PRO A 67 -0.64 2.71 9.26
C PRO A 67 -1.04 1.82 8.09
N VAL A 68 -2.06 2.26 7.35
CA VAL A 68 -2.51 1.49 6.21
C VAL A 68 -1.64 1.87 5.02
N PHE A 69 -0.35 1.49 5.08
CA PHE A 69 0.66 1.86 4.12
C PHE A 69 1.46 0.61 3.79
N LEU A 70 1.80 0.44 2.50
CA LEU A 70 2.57 -0.74 2.12
C LEU A 70 3.95 -0.73 2.76
N ALA A 71 4.74 0.30 2.50
CA ALA A 71 6.07 0.43 3.07
C ALA A 71 6.16 1.65 3.97
N HIS A 72 7.22 1.69 4.76
CA HIS A 72 7.52 2.86 5.58
C HIS A 72 7.95 4.04 4.71
N GLY A 73 7.73 5.23 5.23
CA GLY A 73 8.20 6.43 4.58
C GLY A 73 8.18 7.59 5.55
N ILE A 74 8.31 8.79 4.98
CA ILE A 74 8.30 10.00 5.80
C ILE A 74 7.00 10.11 6.59
N HIS A 75 5.88 9.73 5.98
CA HIS A 75 4.58 9.82 6.65
C HIS A 75 4.54 8.93 7.89
N THR A 76 4.92 7.66 7.74
CA THR A 76 4.80 6.69 8.82
C THR A 76 5.91 6.79 9.86
N THR A 77 7.06 7.34 9.50
CA THR A 77 8.20 7.40 10.40
C THR A 77 8.40 8.76 11.04
N ARG A 78 7.70 9.79 10.57
CA ARG A 78 7.90 11.16 11.05
C ARG A 78 6.56 11.88 11.24
N ASP A 79 5.79 12.01 10.15
CA ASP A 79 4.54 12.76 10.20
C ASP A 79 3.59 12.22 11.25
N ILE A 80 3.16 10.96 11.10
CA ILE A 80 2.14 10.40 11.99
C ILE A 80 2.58 10.40 13.45
N PRO A 81 3.81 9.98 13.79
CA PRO A 81 4.25 10.10 15.20
C PRO A 81 4.09 11.50 15.76
N ARG A 82 4.40 12.53 14.97
CA ARG A 82 4.32 13.90 15.47
C ARG A 82 2.88 14.40 15.53
N LEU A 83 2.02 13.98 14.59
CA LEU A 83 0.61 14.36 14.62
C LEU A 83 -0.09 13.78 15.84
N LEU A 84 0.26 12.56 16.23
CA LEU A 84 -0.42 11.95 17.36
C LEU A 84 0.22 12.30 18.69
N GLY A 85 1.40 12.91 18.68
CA GLY A 85 2.09 13.22 19.92
C GLY A 85 2.82 12.07 20.55
N LEU A 86 3.40 11.17 19.77
CA LEU A 86 4.27 10.15 20.33
C LEU A 86 5.70 10.68 20.35
N ASP A 87 6.51 10.18 21.28
CA ASP A 87 7.91 10.60 21.29
C ASP A 87 8.78 9.60 22.08
N GLU A 88 9.94 10.06 22.51
CA GLU A 88 10.95 9.25 23.18
C GLU A 88 10.57 8.87 24.62
N ASN A 89 11.21 7.79 25.10
CA ASN A 89 11.04 7.23 26.43
C ASN A 89 9.65 6.70 26.71
N GLY A 90 8.62 7.41 26.24
CA GLY A 90 7.26 6.95 26.41
C GLY A 90 6.68 6.59 25.06
N CYS A 91 5.65 5.75 25.02
CA CYS A 91 5.05 5.43 23.74
C CYS A 91 4.04 6.48 23.30
N GLY A 92 3.15 6.89 24.20
CA GLY A 92 1.95 7.63 23.84
C GLY A 92 1.10 8.06 25.02
N THR A 93 0.72 9.33 25.08
CA THR A 93 -0.17 9.78 26.14
C THR A 93 -1.00 10.98 25.68
N LEU A 94 -2.32 10.83 25.77
CA LEU A 94 -3.29 11.88 25.45
C LEU A 94 -4.08 12.12 26.72
N GLU A 95 -4.25 13.40 27.09
CA GLU A 95 -5.01 13.78 28.28
C GLU A 95 -6.11 14.72 27.79
N ILE A 96 -7.32 14.19 27.71
CA ILE A 96 -8.49 14.94 27.25
C ILE A 96 -9.49 14.98 28.39
N ASP A 97 -10.66 15.58 28.14
CA ASP A 97 -11.79 15.72 29.06
C ASP A 97 -11.73 15.00 30.43
N GLY A 98 -10.64 15.18 31.18
CA GLY A 98 -10.46 14.46 32.44
C GLY A 98 -10.33 12.96 32.31
N LYS A 99 -9.65 12.52 31.26
CA LYS A 99 -9.43 11.15 30.84
C LYS A 99 -8.00 11.05 30.33
N THR A 100 -7.27 10.02 30.75
CA THR A 100 -5.96 9.68 30.20
C THR A 100 -6.10 8.50 29.25
N VAL A 101 -5.87 8.75 27.96
CA VAL A 101 -6.01 7.77 26.89
C VAL A 101 -4.61 7.47 26.36
N GLU A 102 -4.30 6.19 26.16
CA GLU A 102 -3.01 5.80 25.64
C GLU A 102 -3.10 5.49 24.15
N ILE A 103 -2.03 5.82 23.43
CA ILE A 103 -1.91 5.54 22.01
C ILE A 103 -0.83 4.50 21.79
N ILE A 104 -1.11 3.55 20.90
CA ILE A 104 -0.14 2.55 20.48
C ILE A 104 -0.04 2.61 18.97
N TYR A 105 1.15 2.90 18.46
CA TYR A 105 1.34 3.10 17.02
C TYR A 105 1.88 1.81 16.43
N ARG A 106 1.14 1.25 15.47
CA ARG A 106 1.49 -0.05 14.91
C ARG A 106 2.34 0.12 13.65
N GLU A 107 2.70 -1.01 13.03
CA GLU A 107 3.63 -1.05 11.92
C GLU A 107 2.91 -1.11 10.58
N PRO A 108 3.60 -0.73 9.50
CA PRO A 108 3.02 -0.88 8.16
C PRO A 108 2.84 -2.34 7.78
N ILE A 109 2.27 -2.57 6.59
CA ILE A 109 1.96 -3.94 6.17
C ILE A 109 3.25 -4.73 5.93
N GLY A 110 4.20 -4.16 5.20
CA GLY A 110 5.43 -4.84 4.91
C GLY A 110 5.28 -5.89 3.82
N ALA A 111 6.33 -6.70 3.67
CA ALA A 111 6.38 -7.73 2.63
C ALA A 111 5.69 -9.01 3.07
N ASP A 112 4.48 -8.88 3.59
CA ASP A 112 3.68 -10.01 4.01
C ASP A 112 3.37 -10.94 2.84
N ASP A 113 3.36 -12.25 3.11
CA ASP A 113 3.04 -13.22 2.07
C ASP A 113 1.64 -13.03 1.52
N ARG A 114 0.76 -12.33 2.24
CA ARG A 114 -0.60 -12.16 1.77
C ARG A 114 -0.65 -11.08 0.70
N ILE A 115 0.27 -10.11 0.78
CA ILE A 115 0.45 -9.17 -0.32
C ILE A 115 0.93 -9.91 -1.57
N VAL A 116 1.85 -10.87 -1.41
CA VAL A 116 2.28 -11.69 -2.53
C VAL A 116 1.09 -12.44 -3.13
N ASP A 117 0.28 -13.06 -2.27
CA ASP A 117 -0.94 -13.72 -2.71
C ASP A 117 -1.81 -12.80 -3.58
N ILE A 118 -2.05 -11.58 -3.09
CA ILE A 118 -2.86 -10.63 -3.84
C ILE A 118 -2.18 -10.26 -5.15
N ILE A 119 -0.86 -10.05 -5.10
CA ILE A 119 -0.09 -9.69 -6.29
C ILE A 119 -0.30 -10.74 -7.37
N ILE A 120 -0.21 -12.01 -6.99
CA ILE A 120 -0.32 -13.09 -7.96
C ILE A 120 -1.76 -13.20 -8.47
N ASP A 121 -2.74 -13.04 -7.57
CA ASP A 121 -4.12 -12.96 -8.02
C ASP A 121 -4.29 -11.89 -9.09
N ARG A 122 -3.70 -10.70 -8.86
CA ARG A 122 -3.80 -9.63 -9.84
C ARG A 122 -3.12 -10.00 -11.15
N ALA A 123 -1.92 -10.59 -11.06
CA ALA A 123 -1.15 -10.96 -12.25
C ALA A 123 -1.98 -11.81 -13.20
N PHE A 124 -2.80 -12.71 -12.66
CA PHE A 124 -3.69 -13.54 -13.46
C PHE A 124 -5.02 -12.83 -13.78
N GLY A 125 -5.07 -11.51 -13.62
CA GLY A 125 -6.28 -10.75 -13.84
C GLY A 125 -7.38 -10.99 -12.84
N ARG A 126 -7.06 -11.54 -11.67
CA ARG A 126 -8.04 -11.76 -10.62
C ARG A 126 -7.85 -10.75 -9.49
N MET B 1 7.50 -16.20 -23.89
CA MET B 1 7.08 -16.47 -22.53
C MET B 1 6.48 -15.20 -21.95
N GLU B 2 6.25 -15.18 -20.64
CA GLU B 2 5.67 -14.03 -19.98
C GLU B 2 6.48 -13.68 -18.75
N ALA B 3 6.68 -12.39 -18.53
CA ALA B 3 7.41 -11.88 -17.38
C ALA B 3 6.44 -11.15 -16.46
N LEU B 4 6.81 -11.06 -15.19
CA LEU B 4 6.07 -10.26 -14.22
C LEU B 4 6.92 -9.04 -13.85
N VAL B 5 6.36 -7.86 -14.04
CA VAL B 5 6.98 -6.62 -13.62
C VAL B 5 6.16 -6.07 -12.47
N LEU B 6 6.76 -6.05 -11.28
CA LEU B 6 6.15 -5.41 -10.13
C LEU B 6 6.57 -3.94 -10.17
N VAL B 7 5.65 -3.07 -9.77
CA VAL B 7 5.83 -1.64 -9.95
C VAL B 7 5.46 -0.93 -8.65
N GLY B 8 6.36 -0.06 -8.18
CA GLY B 8 6.21 0.57 -6.89
C GLY B 8 6.37 2.07 -7.01
N HIS B 9 6.09 2.75 -5.89
CA HIS B 9 6.12 4.21 -5.88
C HIS B 9 7.54 4.76 -5.93
N GLY B 10 8.42 4.26 -5.07
CA GLY B 10 9.78 4.74 -5.02
C GLY B 10 9.86 6.01 -4.20
N SER B 11 10.87 6.10 -3.33
CA SER B 11 10.96 7.21 -2.40
C SER B 11 12.43 7.56 -2.19
N ARG B 12 12.68 8.83 -1.85
CA ARG B 12 14.05 9.24 -1.54
C ARG B 12 14.57 8.40 -0.39
N LEU B 13 13.68 8.06 0.57
CA LEU B 13 13.90 7.08 1.63
C LEU B 13 13.70 5.67 1.08
N PRO B 14 14.49 4.70 1.55
CA PRO B 14 14.68 3.44 0.82
C PRO B 14 13.66 2.33 1.04
N TYR B 15 12.66 2.51 1.90
CA TYR B 15 11.81 1.39 2.31
C TYR B 15 11.08 0.75 1.12
N SER B 16 10.64 1.55 0.15
CA SER B 16 9.78 1.00 -0.89
C SER B 16 10.52 0.06 -1.83
N LYS B 17 11.73 0.43 -2.25
CA LYS B 17 12.50 -0.45 -3.12
C LYS B 17 12.82 -1.78 -2.45
N GLU B 18 13.24 -1.75 -1.18
CA GLU B 18 13.52 -3.02 -0.50
C GLU B 18 12.25 -3.84 -0.33
N LEU B 19 11.12 -3.18 -0.07
CA LEU B 19 9.83 -3.88 -0.07
C LEU B 19 9.64 -4.65 -1.37
N LEU B 20 9.86 -3.96 -2.50
CA LEU B 20 9.68 -4.60 -3.80
C LEU B 20 10.68 -5.73 -4.01
N VAL B 21 11.91 -5.53 -3.55
CA VAL B 21 12.92 -6.59 -3.62
C VAL B 21 12.41 -7.85 -2.92
N LYS B 22 11.91 -7.69 -1.70
CA LYS B 22 11.47 -8.85 -0.91
C LYS B 22 10.25 -9.50 -1.54
N LEU B 23 9.31 -8.70 -2.03
CA LEU B 23 8.12 -9.24 -2.68
C LEU B 23 8.49 -10.04 -3.92
N ALA B 24 9.44 -9.51 -4.72
CA ALA B 24 9.88 -10.24 -5.90
C ALA B 24 10.60 -11.53 -5.52
N GLU B 25 11.36 -11.51 -4.43
CA GLU B 25 11.99 -12.74 -3.97
C GLU B 25 10.95 -13.78 -3.59
N LYS B 26 9.87 -13.35 -2.93
CA LYS B 26 8.85 -14.30 -2.50
C LYS B 26 8.07 -14.87 -3.69
N VAL B 27 7.79 -14.03 -4.70
CA VAL B 27 7.08 -14.58 -5.85
C VAL B 27 8.00 -15.45 -6.69
N LYS B 28 9.31 -15.17 -6.69
CA LYS B 28 10.26 -16.10 -7.29
C LYS B 28 10.23 -17.44 -6.56
N GLU B 29 10.18 -17.37 -5.23
CA GLU B 29 10.04 -18.56 -4.40
C GLU B 29 8.79 -19.34 -4.76
N ARG B 30 7.77 -18.63 -5.27
CA ARG B 30 6.53 -19.28 -5.68
C ARG B 30 6.64 -19.99 -7.01
N ASN B 31 7.67 -19.68 -7.82
CA ASN B 31 7.97 -20.42 -9.05
C ASN B 31 6.73 -20.55 -9.92
N LEU B 32 6.09 -19.42 -10.18
CA LEU B 32 5.04 -19.37 -11.19
C LEU B 32 5.37 -18.51 -12.39
N PHE B 33 6.42 -17.69 -12.32
CA PHE B 33 6.76 -16.80 -13.42
C PHE B 33 8.24 -16.94 -13.77
N PRO B 34 8.58 -17.07 -15.05
CA PRO B 34 9.99 -17.31 -15.42
C PRO B 34 10.90 -16.14 -15.11
N ILE B 35 10.46 -14.93 -15.46
CA ILE B 35 11.20 -13.70 -15.16
C ILE B 35 10.34 -12.82 -14.28
N VAL B 36 10.93 -12.33 -13.19
CA VAL B 36 10.27 -11.39 -12.28
C VAL B 36 11.22 -10.24 -12.00
N GLU B 37 10.80 -9.02 -12.30
CA GLU B 37 11.59 -7.83 -12.02
C GLU B 37 10.69 -6.78 -11.38
N ILE B 38 11.32 -5.73 -10.85
CA ILE B 38 10.63 -4.64 -10.17
C ILE B 38 11.05 -3.32 -10.78
N GLY B 39 10.19 -2.32 -10.61
CA GLY B 39 10.43 -0.99 -11.17
C GLY B 39 9.92 0.11 -10.27
N LEU B 40 10.74 1.14 -10.05
CA LEU B 40 10.36 2.26 -9.21
C LEU B 40 10.01 3.46 -10.08
N MET B 41 8.94 4.16 -9.70
CA MET B 41 8.41 5.24 -10.52
C MET B 41 9.20 6.52 -10.34
N GLU B 42 9.75 6.76 -9.14
CA GLU B 42 10.41 8.01 -8.81
C GLU B 42 11.74 7.77 -8.11
N PHE B 43 12.61 8.78 -8.19
CA PHE B 43 13.83 8.91 -7.39
C PHE B 43 14.79 7.74 -7.57
N SER B 44 14.34 6.55 -7.17
CA SER B 44 15.17 5.38 -7.09
C SER B 44 15.14 4.53 -8.36
N GLU B 45 16.29 3.93 -8.67
CA GLU B 45 16.43 2.90 -9.69
C GLU B 45 16.38 1.52 -9.05
N PRO B 46 16.04 0.47 -9.83
CA PRO B 46 15.76 0.53 -11.28
C PRO B 46 14.39 1.10 -11.58
N THR B 47 14.17 1.49 -12.83
CA THR B 47 12.98 2.24 -13.20
C THR B 47 12.05 1.31 -13.98
N ILE B 48 10.88 1.82 -14.33
CA ILE B 48 9.84 1.02 -14.97
C ILE B 48 10.28 0.67 -16.40
N PRO B 49 10.63 1.64 -17.27
CA PRO B 49 11.21 1.25 -18.56
C PRO B 49 12.45 0.39 -18.46
N GLN B 50 13.31 0.61 -17.45
CA GLN B 50 14.46 -0.27 -17.25
C GLN B 50 14.01 -1.67 -16.87
N ALA B 51 13.00 -1.76 -16.01
CA ALA B 51 12.42 -3.06 -15.67
C ALA B 51 11.95 -3.79 -16.92
N VAL B 52 11.28 -3.07 -17.84
CA VAL B 52 10.84 -3.67 -19.08
C VAL B 52 12.03 -4.07 -19.95
N LYS B 53 13.05 -3.22 -20.01
CA LYS B 53 14.27 -3.54 -20.76
C LYS B 53 14.82 -4.89 -20.32
N LYS B 54 14.91 -5.12 -19.00
CA LYS B 54 15.50 -6.36 -18.54
C LYS B 54 14.51 -7.53 -18.63
N ALA B 55 13.22 -7.26 -18.50
CA ALA B 55 12.22 -8.31 -18.68
C ALA B 55 12.29 -8.87 -20.10
N ILE B 56 12.40 -7.99 -21.08
CA ILE B 56 12.60 -8.46 -22.44
C ILE B 56 13.97 -9.06 -22.60
N GLU B 57 14.98 -8.50 -21.92
CA GLU B 57 16.32 -9.01 -22.07
C GLU B 57 16.39 -10.49 -21.75
N GLN B 58 15.67 -10.93 -20.71
CA GLN B 58 15.66 -12.35 -20.44
C GLN B 58 14.67 -13.12 -21.30
N GLY B 59 13.81 -12.44 -22.05
CA GLY B 59 13.11 -13.16 -23.11
C GLY B 59 11.60 -13.12 -23.09
N ALA B 60 11.00 -11.98 -22.77
CA ALA B 60 9.56 -11.92 -22.58
C ALA B 60 8.86 -11.48 -23.86
N LYS B 61 7.66 -12.04 -24.07
CA LYS B 61 6.74 -11.69 -25.13
C LYS B 61 5.50 -11.02 -24.57
N ARG B 62 5.19 -11.30 -23.31
CA ARG B 62 4.05 -10.78 -22.56
C ARG B 62 4.56 -10.20 -21.25
N ILE B 63 4.35 -8.90 -21.03
CA ILE B 63 4.81 -8.21 -19.84
C ILE B 63 3.61 -7.99 -18.93
N ILE B 64 3.57 -8.70 -17.80
CA ILE B 64 2.52 -8.51 -16.79
C ILE B 64 3.01 -7.40 -15.87
N VAL B 65 2.35 -6.24 -15.92
CA VAL B 65 2.68 -5.09 -15.06
C VAL B 65 1.64 -4.98 -13.96
N VAL B 66 2.08 -5.09 -12.72
CA VAL B 66 1.19 -5.07 -11.57
C VAL B 66 1.49 -3.84 -10.72
N PRO B 67 0.56 -2.95 -10.52
CA PRO B 67 0.82 -1.83 -9.62
C PRO B 67 0.78 -2.24 -8.15
N VAL B 68 1.93 -2.24 -7.49
CA VAL B 68 1.99 -2.57 -6.07
C VAL B 68 1.63 -1.32 -5.26
N PHE B 69 0.35 -0.92 -5.35
CA PHE B 69 -0.19 0.30 -4.76
C PHE B 69 -1.50 -0.08 -4.08
N LEU B 70 -1.76 0.50 -2.91
CA LEU B 70 -2.98 0.19 -2.20
C LEU B 70 -4.22 0.61 -2.99
N ALA B 71 -4.34 1.90 -3.26
CA ALA B 71 -5.48 2.44 -4.00
C ALA B 71 -5.00 3.07 -5.30
N HIS B 72 -5.97 3.36 -6.16
CA HIS B 72 -5.68 4.07 -7.40
C HIS B 72 -5.21 5.49 -7.12
N GLY B 73 -4.41 6.02 -8.02
CA GLY B 73 -4.00 7.41 -7.94
C GLY B 73 -3.44 7.90 -9.24
N ILE B 74 -2.79 9.08 -9.19
CA ILE B 74 -2.23 9.68 -10.39
C ILE B 74 -1.17 8.77 -11.02
N HIS B 75 -0.31 8.15 -10.21
CA HIS B 75 0.68 7.25 -10.79
C HIS B 75 0.00 6.09 -11.52
N THR B 76 -0.96 5.44 -10.85
CA THR B 76 -1.56 4.23 -11.40
C THR B 76 -2.59 4.52 -12.50
N THR B 77 -3.18 5.71 -12.52
CA THR B 77 -4.22 5.99 -13.51
C THR B 77 -3.73 6.89 -14.64
N ARG B 78 -2.56 7.53 -14.50
CA ARG B 78 -2.10 8.46 -15.51
C ARG B 78 -0.60 8.34 -15.77
N ASP B 79 0.23 8.58 -14.74
CA ASP B 79 1.69 8.60 -14.90
C ASP B 79 2.23 7.30 -15.47
N ILE B 80 2.08 6.21 -14.73
CA ILE B 80 2.66 4.92 -15.10
C ILE B 80 2.07 4.44 -16.44
N PRO B 81 0.75 4.52 -16.67
CA PRO B 81 0.24 4.17 -18.01
C PRO B 81 0.94 4.89 -19.15
N ARG B 82 1.24 6.20 -19.01
CA ARG B 82 1.89 6.94 -20.10
C ARG B 82 3.37 6.57 -20.18
N LEU B 83 3.99 6.24 -19.05
CA LEU B 83 5.37 5.76 -19.09
C LEU B 83 5.48 4.49 -19.91
N LEU B 84 4.43 3.67 -19.89
CA LEU B 84 4.38 2.43 -20.66
C LEU B 84 3.89 2.64 -22.09
N GLY B 85 3.28 3.78 -22.38
CA GLY B 85 2.75 4.04 -23.71
C GLY B 85 1.48 3.29 -24.02
N LEU B 86 0.69 2.97 -23.01
CA LEU B 86 -0.62 2.38 -23.15
C LEU B 86 -1.70 3.46 -23.05
N ASP B 87 -2.89 3.14 -23.57
CA ASP B 87 -4.07 3.96 -23.28
C ASP B 87 -5.30 3.07 -23.35
N GLU B 88 -5.68 2.55 -22.18
CA GLU B 88 -6.90 1.78 -21.93
C GLU B 88 -6.99 0.40 -22.57
N ASN B 89 -7.37 0.31 -23.84
CA ASN B 89 -7.68 -0.99 -24.43
C ASN B 89 -6.44 -1.86 -24.56
N GLY B 90 -6.52 -3.07 -23.98
CA GLY B 90 -5.47 -4.07 -24.07
C GLY B 90 -4.11 -3.68 -23.49
N CYS B 91 -3.68 -2.44 -23.78
CA CYS B 91 -2.48 -1.78 -23.27
C CYS B 91 -1.22 -2.04 -24.10
N GLY B 92 -1.00 -3.26 -24.57
CA GLY B 92 0.33 -3.66 -25.03
C GLY B 92 0.58 -3.61 -26.52
N THR B 93 1.63 -2.85 -26.89
CA THR B 93 2.25 -2.94 -28.22
C THR B 93 3.65 -2.33 -28.06
N LEU B 94 4.66 -3.18 -28.00
CA LEU B 94 6.04 -2.73 -27.81
C LEU B 94 6.93 -3.42 -28.83
N GLU B 95 7.85 -2.68 -29.46
CA GLU B 95 8.71 -3.29 -30.46
C GLU B 95 10.19 -3.01 -30.21
N ILE B 96 10.95 -4.05 -29.83
CA ILE B 96 12.41 -3.87 -29.72
C ILE B 96 13.12 -4.85 -30.64
N ASP B 97 14.44 -5.06 -30.43
CA ASP B 97 15.28 -5.93 -31.25
C ASP B 97 14.56 -7.05 -31.98
N GLY B 98 13.74 -6.71 -32.98
CA GLY B 98 12.97 -7.68 -33.73
C GLY B 98 11.96 -8.47 -32.93
N LYS B 99 11.27 -7.81 -31.98
CA LYS B 99 10.35 -8.46 -31.06
C LYS B 99 9.10 -7.60 -30.89
N THR B 100 7.95 -8.28 -30.99
CA THR B 100 6.64 -7.70 -30.67
C THR B 100 6.35 -8.17 -29.26
N VAL B 101 6.38 -7.24 -28.31
CA VAL B 101 6.26 -7.51 -26.89
C VAL B 101 4.92 -6.94 -26.43
N GLU B 102 4.16 -7.72 -25.68
CA GLU B 102 2.89 -7.26 -25.16
C GLU B 102 3.03 -6.93 -23.69
N ILE B 103 2.36 -5.86 -23.27
CA ILE B 103 2.24 -5.51 -21.86
C ILE B 103 0.77 -5.60 -21.49
N ILE B 104 0.49 -6.17 -20.32
CA ILE B 104 -0.86 -6.18 -19.77
C ILE B 104 -0.78 -5.55 -18.39
N TYR B 105 -1.49 -4.46 -18.21
CA TYR B 105 -1.40 -3.64 -17.01
C TYR B 105 -2.53 -4.00 -16.07
N ARG B 106 -2.19 -4.42 -14.85
CA ARG B 106 -3.19 -4.91 -13.92
C ARG B 106 -3.68 -3.79 -13.01
N GLU B 107 -4.57 -4.15 -12.10
CA GLU B 107 -5.28 -3.25 -11.21
C GLU B 107 -4.59 -3.19 -9.85
N PRO B 108 -4.84 -2.13 -9.07
CA PRO B 108 -4.26 -2.07 -7.71
C PRO B 108 -4.79 -3.15 -6.77
N ILE B 109 -4.24 -3.16 -5.56
CA ILE B 109 -4.58 -4.21 -4.59
C ILE B 109 -6.02 -4.08 -4.14
N GLY B 110 -6.45 -2.87 -3.80
CA GLY B 110 -7.82 -2.63 -3.39
C GLY B 110 -8.11 -3.06 -1.95
N ALA B 111 -9.40 -3.07 -1.65
CA ALA B 111 -9.91 -3.40 -0.31
C ALA B 111 -10.04 -4.91 -0.14
N ASP B 112 -8.99 -5.63 -0.48
CA ASP B 112 -8.99 -7.08 -0.38
C ASP B 112 -9.16 -7.47 1.08
N ASP B 113 -9.94 -8.54 1.33
CA ASP B 113 -10.11 -9.03 2.69
C ASP B 113 -8.78 -9.47 3.31
N ARG B 114 -7.77 -9.70 2.48
CA ARG B 114 -6.47 -10.11 3.02
C ARG B 114 -5.71 -8.92 3.56
N ILE B 115 -5.94 -7.73 3.00
CA ILE B 115 -5.45 -6.51 3.65
C ILE B 115 -6.13 -6.33 4.99
N VAL B 116 -7.42 -6.64 5.08
CA VAL B 116 -8.12 -6.60 6.37
C VAL B 116 -7.44 -7.54 7.37
N ASP B 117 -7.19 -8.79 6.95
CA ASP B 117 -6.46 -9.72 7.82
C ASP B 117 -5.15 -9.12 8.30
N ILE B 118 -4.36 -8.57 7.38
CA ILE B 118 -3.06 -8.01 7.77
C ILE B 118 -3.26 -6.84 8.74
N ILE B 119 -4.26 -5.99 8.47
CA ILE B 119 -4.54 -4.84 9.33
C ILE B 119 -4.76 -5.31 10.77
N ILE B 120 -5.59 -6.34 10.94
CA ILE B 120 -5.92 -6.80 12.28
C ILE B 120 -4.70 -7.47 12.93
N ASP B 121 -3.95 -8.25 12.13
CA ASP B 121 -2.69 -8.80 12.63
C ASP B 121 -1.82 -7.69 13.21
N ARG B 122 -1.69 -6.59 12.47
CA ARG B 122 -0.87 -5.47 12.93
C ARG B 122 -1.44 -4.88 14.21
N ALA B 123 -2.77 -4.67 14.23
CA ALA B 123 -3.42 -4.07 15.37
C ALA B 123 -3.06 -4.79 16.66
N PHE B 124 -3.00 -6.12 16.62
CA PHE B 124 -2.57 -6.84 17.82
C PHE B 124 -1.06 -7.02 17.91
N GLY B 125 -0.29 -6.22 17.17
CA GLY B 125 1.15 -6.39 17.17
C GLY B 125 1.63 -7.65 16.48
N ARG B 126 0.80 -8.25 15.64
CA ARG B 126 1.19 -9.44 14.88
C ARG B 126 1.44 -9.05 13.43
S SO4 C . 4.85 6.61 3.54
O1 SO4 C . 5.87 7.44 2.90
O2 SO4 C . 5.16 6.42 4.95
O3 SO4 C . 3.58 7.30 3.40
O4 SO4 C . 4.78 5.31 2.87
S SO4 D . -0.82 6.26 -6.58
O1 SO4 D . 0.30 6.23 -5.63
O2 SO4 D . -0.38 5.75 -7.87
O3 SO4 D . -1.26 7.65 -6.72
O4 SO4 D . -1.91 5.40 -6.12
#